data_3QP6
#
_entry.id   3QP6
#
_cell.length_a   50.248
_cell.length_b   89.120
_cell.length_c   132.125
_cell.angle_alpha   90.00
_cell.angle_beta   90.00
_cell.angle_gamma   90.00
#
_symmetry.space_group_name_H-M   'C 2 2 21'
#
loop_
_entity.id
_entity.type
_entity.pdbx_description
1 polymer 'CviR transcriptional regulator'
2 non-polymer N-[(3S)-2-oxotetrahydrofuran-3-yl]hexanamide
3 water water
#
_entity_poly.entity_id   1
_entity_poly.type   'polypeptide(L)'
_entity_poly.pdbx_seq_one_letter_code
;MVTSKPINARPLPAGLTASQQWTLLEWIHMAGHIETEGELKAFLDNILSQAPSDRIILVLGRLNNQNQIQRMEKVLNVSY
PSDWLNQYSQENFAQHDPIMRIHLGQGPVIWEERFSRAKGSEEKRFIAEASSNGMGSGITFSAASDRNNVGSILSIGGKE
PGRNAALVAMLNCLTPHLHQAAVRIANLPPASPSNMPLSQREYDIFHWMSRGKTNWEIATILNISERTVKFHVANVIRKL
NANNRTHAIVLGMHLAMTPRELVNG
;
_entity_poly.pdbx_strand_id   A
#
loop_
_chem_comp.id
_chem_comp.type
_chem_comp.name
_chem_comp.formula
HL6 non-polymer N-[(3S)-2-oxotetrahydrofuran-3-yl]hexanamide 'C10 H17 N O3'
#
# COMPACT_ATOMS: atom_id res chain seq x y z
N ILE A 7 1.87 4.59 -16.71
CA ILE A 7 1.62 3.84 -15.48
C ILE A 7 2.64 2.73 -15.28
N ASN A 8 3.22 2.69 -14.09
CA ASN A 8 4.22 1.69 -13.77
C ASN A 8 3.54 0.41 -13.26
N ALA A 9 3.57 -0.66 -14.05
CA ALA A 9 3.00 -1.94 -13.59
C ALA A 9 3.74 -3.15 -14.17
N ARG A 10 4.00 -4.15 -13.34
CA ARG A 10 4.58 -5.41 -13.81
C ARG A 10 3.69 -5.97 -14.92
N PRO A 11 4.31 -6.54 -15.97
CA PRO A 11 3.56 -7.09 -17.12
C PRO A 11 2.75 -8.33 -16.75
N LEU A 12 1.60 -8.50 -17.37
CA LEU A 12 0.82 -9.73 -17.21
C LEU A 12 1.66 -10.91 -17.70
N PRO A 13 1.44 -12.10 -17.10
CA PRO A 13 2.17 -13.32 -17.45
C PRO A 13 1.74 -13.81 -18.83
N ALA A 14 2.68 -14.22 -19.69
CA ALA A 14 2.37 -14.60 -21.07
C ALA A 14 2.01 -16.07 -21.30
N GLY A 15 2.52 -16.97 -20.47
CA GLY A 15 2.37 -18.38 -20.78
C GLY A 15 1.00 -19.00 -20.59
N LEU A 16 0.10 -18.26 -19.96
CA LEU A 16 -1.08 -18.86 -19.31
C LEU A 16 -2.14 -19.45 -20.26
N THR A 17 -2.77 -20.53 -19.80
CA THR A 17 -3.91 -21.11 -20.50
C THR A 17 -5.13 -20.24 -20.28
N ALA A 18 -6.13 -20.41 -21.13
CA ALA A 18 -7.36 -19.61 -21.04
C ALA A 18 -7.98 -19.72 -19.65
N SER A 19 -7.94 -20.91 -19.09
CA SER A 19 -8.45 -21.17 -17.76
C SER A 19 -7.64 -20.37 -16.72
N GLN A 20 -6.34 -20.31 -16.92
CA GLN A 20 -5.48 -19.58 -15.98
C GLN A 20 -5.71 -18.09 -16.12
N GLN A 21 -5.86 -17.62 -17.35
CA GLN A 21 -6.11 -16.21 -17.62
C GLN A 21 -7.39 -15.74 -16.93
N TRP A 22 -8.39 -16.63 -16.89
CA TRP A 22 -9.66 -16.30 -16.26
C TRP A 22 -9.54 -16.23 -14.75
N THR A 23 -8.91 -17.24 -14.17
CA THR A 23 -8.70 -17.30 -12.73
C THR A 23 -7.95 -16.05 -12.23
N LEU A 24 -6.95 -15.61 -12.99
CA LEU A 24 -6.16 -14.45 -12.61
C LEU A 24 -7.04 -13.20 -12.61
N LEU A 25 -7.86 -13.05 -13.65
CA LEU A 25 -8.82 -11.93 -13.71
C LEU A 25 -9.76 -11.93 -12.51
N GLU A 26 -10.29 -13.10 -12.16
CA GLU A 26 -11.13 -13.23 -10.98
C GLU A 26 -10.38 -12.80 -9.73
N TRP A 27 -9.14 -13.28 -9.60
CA TRP A 27 -8.29 -12.95 -8.44
C TRP A 27 -8.04 -11.45 -8.31
N ILE A 28 -7.59 -10.84 -9.40
CA ILE A 28 -7.30 -9.40 -9.35
C ILE A 28 -8.58 -8.56 -9.15
N HIS A 29 -9.65 -8.94 -9.83
CA HIS A 29 -10.92 -8.24 -9.67
C HIS A 29 -11.40 -8.32 -8.21
N MET A 30 -11.35 -9.52 -7.61
CA MET A 30 -11.77 -9.71 -6.22
C MET A 30 -10.85 -8.98 -5.26
N ALA A 31 -9.54 -9.06 -5.48
CA ALA A 31 -8.59 -8.36 -4.63
C ALA A 31 -8.94 -6.87 -4.56
N GLY A 32 -9.36 -6.32 -5.68
CA GLY A 32 -9.68 -4.90 -5.75
C GLY A 32 -10.91 -4.51 -4.97
N HIS A 33 -11.61 -5.48 -4.39
CA HIS A 33 -12.79 -5.23 -3.58
C HIS A 33 -12.55 -5.52 -2.10
N ILE A 34 -11.36 -6.02 -1.78
CA ILE A 34 -11.04 -6.30 -0.39
C ILE A 34 -10.90 -5.02 0.45
N GLU A 35 -11.63 -4.94 1.55
CA GLU A 35 -11.58 -3.78 2.42
C GLU A 35 -11.35 -4.10 3.90
N THR A 36 -11.51 -5.37 4.28
CA THR A 36 -11.26 -5.76 5.67
C THR A 36 -10.14 -6.79 5.80
N GLU A 37 -9.49 -6.80 6.95
CA GLU A 37 -8.44 -7.78 7.25
C GLU A 37 -9.01 -9.18 7.12
N GLY A 38 -10.21 -9.39 7.63
CA GLY A 38 -10.86 -10.70 7.53
C GLY A 38 -11.00 -11.21 6.12
N GLU A 39 -11.44 -10.34 5.20
CA GLU A 39 -11.55 -10.74 3.79
C GLU A 39 -10.20 -11.10 3.21
N LEU A 40 -9.18 -10.34 3.57
CA LEU A 40 -7.85 -10.53 3.02
C LEU A 40 -7.27 -11.84 3.54
N LYS A 41 -7.41 -12.06 4.84
CA LYS A 41 -6.94 -13.32 5.43
C LYS A 41 -7.63 -14.53 4.79
N ALA A 42 -8.95 -14.45 4.62
CA ALA A 42 -9.73 -15.54 4.02
C ALA A 42 -9.36 -15.77 2.56
N PHE A 43 -9.11 -14.68 1.84
CA PHE A 43 -8.75 -14.72 0.43
C PHE A 43 -7.36 -15.33 0.22
N LEU A 44 -6.38 -14.88 1.00
CA LEU A 44 -5.05 -15.47 0.95
C LEU A 44 -5.11 -16.95 1.27
N ASP A 45 -5.79 -17.28 2.37
CA ASP A 45 -5.94 -18.67 2.78
C ASP A 45 -6.52 -19.52 1.64
N ASN A 46 -7.60 -19.05 1.05
CA ASN A 46 -8.30 -19.80 0.01
C ASN A 46 -7.45 -20.13 -1.23
N ILE A 47 -6.86 -19.13 -1.85
CA ILE A 47 -6.16 -19.35 -3.10
C ILE A 47 -4.79 -19.99 -2.91
N LEU A 48 -4.40 -20.18 -1.65
CA LEU A 48 -3.17 -20.88 -1.32
C LEU A 48 -3.47 -22.03 -0.37
N SER A 49 -4.51 -22.80 -0.68
CA SER A 49 -5.04 -23.80 0.26
C SER A 49 -4.26 -25.12 0.28
N GLN A 50 -3.92 -25.63 -0.90
CA GLN A 50 -3.04 -26.79 -1.00
C GLN A 50 -1.64 -26.30 -1.33
N ALA A 51 -0.64 -26.75 -0.56
CA ALA A 51 -0.85 -27.71 0.52
C ALA A 51 -1.24 -27.02 1.83
N PRO A 52 -2.08 -27.70 2.62
CA PRO A 52 -2.48 -27.14 3.92
C PRO A 52 -1.28 -27.09 4.87
N SER A 53 -0.12 -27.50 4.38
CA SER A 53 1.10 -27.42 5.18
C SER A 53 1.89 -26.13 4.92
N ASP A 54 1.41 -25.32 3.97
CA ASP A 54 2.03 -24.03 3.70
C ASP A 54 1.74 -23.03 4.82
N ARG A 55 2.64 -22.09 5.03
CA ARG A 55 2.47 -21.09 6.08
C ARG A 55 2.60 -19.71 5.48
N ILE A 56 1.57 -18.89 5.69
CA ILE A 56 1.40 -17.67 4.90
C ILE A 56 1.34 -16.46 5.78
N ILE A 57 1.98 -15.38 5.35
CA ILE A 57 1.87 -14.11 6.04
C ILE A 57 1.98 -12.96 5.04
N LEU A 58 1.35 -11.84 5.35
CA LEU A 58 1.53 -10.62 4.58
C LEU A 58 1.99 -9.55 5.55
N VAL A 59 3.06 -8.85 5.19
CA VAL A 59 3.63 -7.77 6.01
C VAL A 59 3.65 -6.47 5.21
N LEU A 60 2.99 -5.44 5.75
CA LEU A 60 3.00 -4.12 5.12
C LEU A 60 3.99 -3.23 5.84
N GLY A 61 4.84 -2.53 5.09
CA GLY A 61 5.84 -1.69 5.73
C GLY A 61 6.07 -0.33 5.11
N ARG A 62 6.70 0.56 5.89
CA ARG A 62 7.23 1.83 5.40
C ARG A 62 8.60 1.55 4.85
N LEU A 63 8.92 2.16 3.72
CA LEU A 63 10.12 1.81 2.99
C LEU A 63 11.14 2.94 2.95
N ASN A 64 12.41 2.57 2.85
CA ASN A 64 13.48 3.53 2.56
C ASN A 64 13.50 3.79 1.06
N ASN A 65 14.49 4.55 0.58
CA ASN A 65 14.52 4.89 -0.84
C ASN A 65 15.02 3.76 -1.75
N GLN A 66 15.40 2.63 -1.17
CA GLN A 66 15.67 1.42 -1.97
C GLN A 66 14.46 0.47 -1.95
N ASN A 67 13.32 0.93 -1.45
CA ASN A 67 12.13 0.10 -1.30
C ASN A 67 12.28 -1.09 -0.35
N GLN A 68 13.20 -0.99 0.60
CA GLN A 68 13.32 -2.01 1.65
C GLN A 68 12.51 -1.53 2.84
N ILE A 69 11.90 -2.46 3.57
CA ILE A 69 11.12 -2.08 4.75
C ILE A 69 12.01 -1.49 5.86
N GLN A 70 11.66 -0.28 6.28
CA GLN A 70 12.31 0.42 7.38
C GLN A 70 11.63 0.07 8.69
N ARG A 71 10.29 0.10 8.65
CA ARG A 71 9.46 -0.22 9.81
C ARG A 71 8.18 -0.87 9.31
N MET A 72 7.73 -1.90 10.03
CA MET A 72 6.46 -2.53 9.68
C MET A 72 5.30 -1.60 10.05
N GLU A 73 4.26 -1.60 9.23
CA GLU A 73 3.02 -0.88 9.49
C GLU A 73 1.92 -1.83 9.92
N LYS A 74 1.92 -3.04 9.35
CA LYS A 74 0.93 -4.03 9.76
C LYS A 74 1.39 -5.45 9.44
N VAL A 75 1.17 -6.33 10.42
CA VAL A 75 1.44 -7.75 10.25
C VAL A 75 0.11 -8.48 10.13
N LEU A 76 -0.11 -9.04 8.94
CA LEU A 76 -1.34 -9.76 8.71
C LEU A 76 -1.04 -11.25 8.63
N ASN A 77 -1.12 -11.93 9.77
CA ASN A 77 -0.83 -13.35 9.80
C ASN A 77 -1.95 -14.17 9.19
N VAL A 78 -1.59 -15.15 8.38
CA VAL A 78 -2.57 -16.08 7.86
C VAL A 78 -2.35 -17.41 8.53
N SER A 79 -1.13 -17.95 8.42
CA SER A 79 -0.83 -19.25 9.01
C SER A 79 0.62 -19.47 9.47
N TYR A 80 1.35 -18.38 9.75
CA TYR A 80 2.63 -18.54 10.43
C TYR A 80 2.37 -19.06 11.85
N PRO A 81 3.22 -19.97 12.35
CA PRO A 81 3.04 -20.49 13.71
C PRO A 81 3.22 -19.36 14.72
N SER A 82 2.38 -19.33 15.76
CA SER A 82 2.46 -18.25 16.74
C SER A 82 3.75 -18.30 17.54
N ASP A 83 4.25 -19.50 17.80
CA ASP A 83 5.55 -19.68 18.47
C ASP A 83 6.63 -18.96 17.68
N TRP A 84 6.65 -19.17 16.37
CA TRP A 84 7.65 -18.56 15.51
C TRP A 84 7.54 -17.02 15.50
N LEU A 85 6.32 -16.49 15.39
CA LEU A 85 6.11 -15.05 15.44
C LEU A 85 6.58 -14.47 16.78
N ASN A 86 6.29 -15.20 17.85
CA ASN A 86 6.72 -14.79 19.17
C ASN A 86 8.24 -14.66 19.23
N GLN A 87 8.94 -15.67 18.76
CA GLN A 87 10.40 -15.65 18.76
C GLN A 87 10.93 -14.55 17.83
N TYR A 88 10.29 -14.41 16.68
CA TYR A 88 10.71 -13.42 15.68
C TYR A 88 10.64 -12.01 16.27
N SER A 89 9.57 -11.74 17.00
CA SER A 89 9.42 -10.48 17.72
C SER A 89 10.46 -10.30 18.84
N GLN A 90 10.55 -11.30 19.71
CA GLN A 90 11.40 -11.20 20.89
C GLN A 90 12.90 -11.10 20.59
N GLU A 91 13.32 -11.73 19.50
CA GLU A 91 14.74 -11.80 19.19
C GLU A 91 15.09 -10.85 18.05
N ASN A 92 14.15 -9.95 17.75
CA ASN A 92 14.35 -8.92 16.76
C ASN A 92 14.85 -9.49 15.42
N PHE A 93 14.23 -10.59 14.99
CA PHE A 93 14.65 -11.25 13.76
C PHE A 93 14.44 -10.38 12.51
N ALA A 94 13.59 -9.37 12.60
CA ALA A 94 13.42 -8.45 11.47
C ALA A 94 14.75 -7.88 10.99
N GLN A 95 15.67 -7.67 11.92
CA GLN A 95 16.95 -7.07 11.62
C GLN A 95 17.96 -8.08 11.07
N HIS A 96 17.65 -9.37 11.21
CA HIS A 96 18.60 -10.42 10.82
C HIS A 96 18.09 -11.31 9.69
N ASP A 97 16.80 -11.18 9.37
CA ASP A 97 16.14 -12.00 8.35
C ASP A 97 16.52 -11.50 6.95
N PRO A 98 17.28 -12.31 6.19
CA PRO A 98 17.68 -11.89 4.83
C PRO A 98 16.46 -11.55 3.96
N ILE A 99 15.32 -12.20 4.18
CA ILE A 99 14.10 -11.89 3.40
C ILE A 99 13.65 -10.44 3.64
N MET A 100 13.94 -9.92 4.82
CA MET A 100 13.57 -8.55 5.17
C MET A 100 14.44 -7.50 4.46
N ARG A 101 15.52 -7.94 3.81
CA ARG A 101 16.41 -7.01 3.09
C ARG A 101 16.02 -6.83 1.62
N ILE A 102 15.01 -7.57 1.17
CA ILE A 102 14.54 -7.53 -0.21
C ILE A 102 14.16 -6.12 -0.65
N HIS A 103 14.48 -5.76 -1.89
CA HIS A 103 13.95 -4.54 -2.50
C HIS A 103 12.56 -4.84 -3.03
N LEU A 104 11.54 -4.41 -2.29
CA LEU A 104 10.14 -4.70 -2.62
C LEU A 104 9.81 -4.22 -4.02
N GLY A 105 9.11 -5.07 -4.77
CA GLY A 105 8.71 -4.75 -6.13
C GLY A 105 9.49 -5.52 -7.18
N GLN A 106 10.52 -6.24 -6.76
CA GLN A 106 11.16 -7.14 -7.70
C GLN A 106 10.35 -8.43 -7.78
N GLY A 107 10.84 -9.36 -8.60
CA GLY A 107 10.15 -10.60 -8.80
C GLY A 107 10.27 -11.46 -7.57
N PRO A 108 9.62 -12.62 -7.59
CA PRO A 108 9.53 -13.53 -6.45
C PRO A 108 10.93 -13.91 -5.97
N VAL A 109 11.06 -14.11 -4.67
CA VAL A 109 12.34 -14.53 -4.09
C VAL A 109 12.17 -15.86 -3.37
N ILE A 110 12.84 -16.91 -3.87
CA ILE A 110 12.92 -18.19 -3.18
C ILE A 110 13.93 -18.02 -2.05
N TRP A 111 13.55 -18.34 -0.81
CA TRP A 111 14.40 -17.97 0.33
C TRP A 111 15.84 -18.47 0.25
N GLU A 112 16.04 -19.67 -0.28
CA GLU A 112 17.39 -20.22 -0.31
C GLU A 112 18.32 -19.37 -1.18
N GLU A 113 17.76 -18.72 -2.20
CA GLU A 113 18.56 -17.79 -3.01
C GLU A 113 19.32 -16.85 -2.10
N ARG A 114 18.66 -16.42 -1.02
CA ARG A 114 19.29 -15.51 -0.06
C ARG A 114 20.02 -16.27 1.06
N PHE A 115 19.38 -17.29 1.62
CA PHE A 115 20.00 -18.06 2.70
C PHE A 115 21.36 -18.66 2.30
N SER A 116 21.47 -19.15 1.06
CA SER A 116 22.69 -19.80 0.58
C SER A 116 23.88 -18.83 0.47
N ARG A 117 23.58 -17.53 0.49
CA ARG A 117 24.59 -16.49 0.30
C ARG A 117 24.84 -15.69 1.58
N ALA A 118 24.18 -16.04 2.67
CA ALA A 118 24.28 -15.25 3.90
C ALA A 118 25.56 -15.57 4.66
N LYS A 119 26.39 -14.55 4.87
CA LYS A 119 27.70 -14.74 5.49
C LYS A 119 27.76 -14.35 6.95
N GLY A 120 26.92 -13.40 7.35
CA GLY A 120 26.98 -12.84 8.69
C GLY A 120 26.51 -13.77 9.80
N SER A 121 27.11 -13.63 10.98
CA SER A 121 26.79 -14.47 12.12
C SER A 121 25.30 -14.42 12.51
N GLU A 122 24.74 -13.22 12.61
CA GLU A 122 23.35 -13.09 13.03
C GLU A 122 22.40 -13.69 11.98
N GLU A 123 22.74 -13.51 10.70
CA GLU A 123 21.97 -14.10 9.61
C GLU A 123 22.00 -15.62 9.65
N LYS A 124 23.19 -16.19 9.84
CA LYS A 124 23.31 -17.64 9.99
C LYS A 124 22.49 -18.16 11.17
N ARG A 125 22.53 -17.46 12.30
CA ARG A 125 21.73 -17.90 13.43
C ARG A 125 20.25 -17.88 13.07
N PHE A 126 19.79 -16.78 12.47
CA PHE A 126 18.40 -16.68 12.06
C PHE A 126 18.03 -17.85 11.16
N ILE A 127 18.89 -18.16 10.19
CA ILE A 127 18.60 -19.29 9.29
C ILE A 127 18.45 -20.60 10.06
N ALA A 128 19.35 -20.86 11.01
CA ALA A 128 19.25 -22.07 11.83
C ALA A 128 17.95 -22.10 12.64
N GLU A 129 17.59 -20.97 13.23
CA GLU A 129 16.36 -20.91 14.02
C GLU A 129 15.11 -21.10 13.15
N ALA A 130 15.05 -20.38 12.04
CA ALA A 130 13.99 -20.58 11.07
C ALA A 130 13.86 -22.06 10.69
N SER A 131 15.00 -22.69 10.38
CA SER A 131 14.99 -24.08 9.97
C SER A 131 14.36 -24.98 11.01
N SER A 132 14.73 -24.78 12.27
CA SER A 132 14.26 -25.66 13.34
C SER A 132 12.77 -25.44 13.64
N ASN A 133 12.24 -24.32 13.16
CA ASN A 133 10.82 -23.99 13.29
C ASN A 133 9.99 -24.34 12.04
N GLY A 134 10.56 -25.13 11.14
CA GLY A 134 9.83 -25.51 9.95
C GLY A 134 9.70 -24.36 8.96
N MET A 135 10.57 -23.36 9.09
CA MET A 135 10.48 -22.17 8.26
C MET A 135 11.70 -22.03 7.36
N GLY A 136 12.36 -23.15 7.05
CA GLY A 136 13.62 -23.11 6.33
C GLY A 136 13.53 -22.86 4.83
N SER A 137 12.36 -23.12 4.25
CA SER A 137 12.20 -22.88 2.83
C SER A 137 10.90 -22.15 2.52
N GLY A 138 10.90 -21.38 1.45
CA GLY A 138 9.71 -20.64 1.10
C GLY A 138 9.95 -19.66 -0.01
N ILE A 139 8.97 -18.83 -0.27
CA ILE A 139 9.07 -17.87 -1.35
C ILE A 139 8.40 -16.59 -0.89
N THR A 140 8.89 -15.46 -1.39
CA THR A 140 8.29 -14.18 -1.04
C THR A 140 8.01 -13.35 -2.29
N PHE A 141 6.76 -12.91 -2.42
CA PHE A 141 6.38 -11.97 -3.45
C PHE A 141 6.34 -10.60 -2.80
N SER A 142 6.48 -9.54 -3.60
CA SER A 142 6.46 -8.19 -3.04
C SER A 142 5.96 -7.15 -4.02
N ALA A 143 5.47 -6.04 -3.50
CA ALA A 143 5.10 -4.92 -4.33
C ALA A 143 5.25 -3.66 -3.50
N ALA A 144 5.40 -2.54 -4.17
CA ALA A 144 5.62 -1.25 -3.53
C ALA A 144 4.80 -0.20 -4.25
N SER A 145 4.29 0.79 -3.51
CA SER A 145 3.60 1.91 -4.12
C SER A 145 4.59 2.89 -4.75
N ASP A 146 4.09 3.68 -5.68
CA ASP A 146 4.92 4.63 -6.41
C ASP A 146 4.92 6.03 -5.79
N ARG A 147 3.80 6.41 -5.18
CA ARG A 147 3.60 7.78 -4.67
C ARG A 147 3.41 7.80 -3.16
N ASN A 148 3.73 6.68 -2.53
CA ASN A 148 3.72 6.56 -1.08
C ASN A 148 4.78 5.54 -0.75
N ASN A 149 5.63 5.81 0.24
CA ASN A 149 6.69 4.87 0.59
C ASN A 149 6.17 3.68 1.41
N VAL A 150 5.29 2.89 0.82
CA VAL A 150 4.81 1.66 1.49
C VAL A 150 4.86 0.50 0.49
N GLY A 151 5.04 -0.72 1.00
CA GLY A 151 5.07 -1.88 0.16
C GLY A 151 4.76 -3.08 1.02
N SER A 152 4.33 -4.17 0.40
CA SER A 152 4.04 -5.39 1.14
C SER A 152 4.89 -6.57 0.65
N ILE A 153 5.21 -7.46 1.57
CA ILE A 153 5.68 -8.77 1.17
C ILE A 153 4.63 -9.81 1.50
N LEU A 154 4.48 -10.75 0.58
CA LEU A 154 3.63 -11.90 0.77
C LEU A 154 4.55 -13.11 0.82
N SER A 155 4.62 -13.75 1.98
CA SER A 155 5.49 -14.91 2.15
C SER A 155 4.72 -16.21 2.25
N ILE A 156 5.21 -17.23 1.55
CA ILE A 156 4.67 -18.56 1.69
C ILE A 156 5.80 -19.52 2.05
N GLY A 157 5.83 -19.98 3.30
CA GLY A 157 6.79 -20.98 3.71
C GLY A 157 6.26 -22.37 3.43
N GLY A 158 7.14 -23.27 2.98
CA GLY A 158 6.74 -24.65 2.80
C GLY A 158 7.71 -25.40 1.91
N LYS A 159 7.35 -26.64 1.58
CA LYS A 159 8.19 -27.52 0.77
C LYS A 159 8.11 -27.17 -0.72
N GLU A 160 9.17 -27.45 -1.45
CA GLU A 160 9.19 -27.22 -2.90
C GLU A 160 8.71 -25.83 -3.30
N PRO A 161 9.21 -24.78 -2.62
CA PRO A 161 8.75 -23.42 -2.95
C PRO A 161 8.94 -23.11 -4.44
N GLY A 162 7.92 -22.55 -5.06
CA GLY A 162 8.04 -22.06 -6.42
C GLY A 162 8.03 -23.12 -7.51
N ARG A 163 7.67 -24.36 -7.16
CA ARG A 163 7.69 -25.43 -8.14
C ARG A 163 6.62 -25.28 -9.23
N ASN A 164 5.46 -24.75 -8.85
CA ASN A 164 4.36 -24.51 -9.80
C ASN A 164 4.56 -23.17 -10.51
N ALA A 165 5.18 -23.22 -11.68
CA ALA A 165 5.62 -21.99 -12.36
C ALA A 165 4.47 -21.05 -12.72
N ALA A 166 3.36 -21.60 -13.17
CA ALA A 166 2.19 -20.82 -13.55
C ALA A 166 1.58 -20.14 -12.34
N LEU A 167 1.51 -20.85 -11.22
CA LEU A 167 0.95 -20.28 -10.01
C LEU A 167 1.85 -19.14 -9.51
N VAL A 168 3.16 -19.34 -9.57
CA VAL A 168 4.10 -18.29 -9.23
C VAL A 168 3.88 -17.02 -10.07
N ALA A 169 3.72 -17.20 -11.38
CA ALA A 169 3.48 -16.06 -12.27
C ALA A 169 2.17 -15.33 -11.92
N MET A 170 1.14 -16.10 -11.63
CA MET A 170 -0.18 -15.55 -11.33
C MET A 170 -0.16 -14.83 -9.98
N LEU A 171 0.45 -15.46 -8.98
CA LEU A 171 0.59 -14.83 -7.67
C LEU A 171 1.44 -13.58 -7.74
N ASN A 172 2.53 -13.64 -8.51
CA ASN A 172 3.38 -12.48 -8.68
C ASN A 172 2.61 -11.29 -9.25
N CYS A 173 1.74 -11.59 -10.21
CA CYS A 173 0.93 -10.58 -10.86
C CYS A 173 -0.12 -10.02 -9.89
N LEU A 174 -0.63 -10.87 -9.02
CA LEU A 174 -1.68 -10.51 -8.08
C LEU A 174 -1.15 -9.65 -6.91
N THR A 175 0.13 -9.82 -6.59
CA THR A 175 0.71 -9.20 -5.39
C THR A 175 0.50 -7.66 -5.21
N PRO A 176 0.70 -6.86 -6.27
CA PRO A 176 0.44 -5.40 -6.17
C PRO A 176 -0.98 -5.09 -5.70
N HIS A 177 -1.93 -5.93 -6.14
CA HIS A 177 -3.33 -5.77 -5.76
C HIS A 177 -3.56 -6.18 -4.33
N LEU A 178 -2.85 -7.20 -3.88
CA LEU A 178 -2.93 -7.54 -2.46
C LEU A 178 -2.32 -6.43 -1.61
N HIS A 179 -1.22 -5.87 -2.08
CA HIS A 179 -0.59 -4.74 -1.42
C HIS A 179 -1.57 -3.56 -1.27
N GLN A 180 -2.21 -3.13 -2.35
CA GLN A 180 -3.15 -2.02 -2.21
C GLN A 180 -4.26 -2.35 -1.22
N ALA A 181 -4.73 -3.60 -1.22
CA ALA A 181 -5.76 -4.00 -0.27
C ALA A 181 -5.23 -3.88 1.16
N ALA A 182 -3.98 -4.31 1.37
CA ALA A 182 -3.35 -4.19 2.68
C ALA A 182 -3.30 -2.75 3.14
N VAL A 183 -2.98 -1.85 2.20
CA VAL A 183 -2.93 -0.43 2.53
C VAL A 183 -4.31 0.06 2.98
N ARG A 184 -5.36 -0.30 2.24
CA ARG A 184 -6.73 0.11 2.63
C ARG A 184 -7.06 -0.38 4.03
N ILE A 185 -6.85 -1.68 4.26
CA ILE A 185 -7.24 -2.24 5.56
C ILE A 185 -6.38 -1.71 6.71
N ALA A 186 -5.15 -1.28 6.42
CA ALA A 186 -4.25 -0.77 7.47
C ALA A 186 -4.58 0.65 7.95
N ASN A 187 -5.50 1.33 7.24
CA ASN A 187 -5.91 2.67 7.67
C ASN A 187 -4.75 3.64 7.85
N LEU A 188 -4.00 3.88 6.79
CA LEU A 188 -2.85 4.76 6.89
C LEU A 188 -3.28 6.16 6.55
N PRO A 189 -2.48 7.17 6.96
CA PRO A 189 -2.65 8.53 6.45
C PRO A 189 -2.68 8.48 4.92
N PRO A 190 -3.30 9.48 4.29
CA PRO A 190 -3.34 9.54 2.83
C PRO A 190 -1.93 9.61 2.20
N ALA A 191 -1.80 9.26 0.92
CA ALA A 191 -0.51 9.29 0.24
C ALA A 191 0.14 10.67 0.32
N SER A 192 -0.67 11.71 0.09
CA SER A 192 -0.26 13.08 0.36
C SER A 192 -1.35 13.68 1.24
N PRO A 193 -1.04 14.77 1.97
CA PRO A 193 -1.98 15.35 2.93
C PRO A 193 -3.36 15.60 2.33
N SER A 194 -4.40 15.31 3.11
CA SER A 194 -5.76 15.60 2.70
C SER A 194 -5.95 17.12 2.58
N ASN A 195 -6.95 17.54 1.80
CA ASN A 195 -7.37 18.93 1.83
C ASN A 195 -7.74 19.24 3.28
N MET A 196 -7.66 20.51 3.67
CA MET A 196 -8.16 20.90 4.98
C MET A 196 -9.52 21.56 4.78
N PRO A 197 -10.45 21.32 5.70
CA PRO A 197 -11.77 21.95 5.58
C PRO A 197 -11.63 23.47 5.60
N LEU A 198 -12.28 24.15 4.66
CA LEU A 198 -12.31 25.61 4.67
C LEU A 198 -13.23 26.11 5.76
N SER A 199 -12.90 27.23 6.37
CA SER A 199 -13.83 27.91 7.25
C SER A 199 -14.96 28.49 6.40
N GLN A 200 -16.06 28.88 7.04
CA GLN A 200 -17.15 29.54 6.30
C GLN A 200 -16.64 30.76 5.52
N ARG A 201 -15.81 31.58 6.16
CA ARG A 201 -15.29 32.78 5.50
C ARG A 201 -14.40 32.41 4.31
N GLU A 202 -13.56 31.40 4.49
CA GLU A 202 -12.75 30.93 3.36
C GLU A 202 -13.64 30.37 2.27
N TYR A 203 -14.73 29.71 2.65
CA TYR A 203 -15.61 29.19 1.62
C TYR A 203 -16.30 30.32 0.88
N ASP A 204 -16.75 31.34 1.62
CA ASP A 204 -17.44 32.47 1.01
C ASP A 204 -16.52 33.12 -0.03
N ILE A 205 -15.24 33.23 0.32
CA ILE A 205 -14.23 33.75 -0.59
C ILE A 205 -14.05 32.81 -1.80
N PHE A 206 -14.02 31.51 -1.55
CA PHE A 206 -13.82 30.56 -2.63
C PHE A 206 -15.02 30.56 -3.60
N HIS A 207 -16.21 30.73 -3.02
CA HIS A 207 -17.45 30.87 -3.81
C HIS A 207 -17.28 31.92 -4.89
N TRP A 208 -16.82 33.12 -4.50
CA TRP A 208 -16.61 34.19 -5.47
C TRP A 208 -15.39 34.00 -6.37
N MET A 209 -14.33 33.40 -5.84
CA MET A 209 -13.20 33.01 -6.68
C MET A 209 -13.72 32.17 -7.85
N SER A 210 -14.58 31.23 -7.53
CA SER A 210 -15.06 30.25 -8.50
C SER A 210 -15.96 30.89 -9.55
N ARG A 211 -16.51 32.06 -9.25
CA ARG A 211 -17.32 32.81 -10.20
C ARG A 211 -16.52 33.86 -10.96
N GLY A 212 -15.19 33.81 -10.85
CA GLY A 212 -14.33 34.66 -11.66
C GLY A 212 -14.09 36.06 -11.09
N LYS A 213 -14.46 36.27 -9.84
CA LYS A 213 -14.24 37.55 -9.18
C LYS A 213 -12.77 37.75 -8.83
N THR A 214 -12.26 38.95 -9.08
CA THR A 214 -10.92 39.31 -8.60
C THR A 214 -10.95 39.53 -7.10
N ASN A 215 -9.78 39.49 -6.48
CA ASN A 215 -9.64 39.80 -5.06
C ASN A 215 -10.30 41.13 -4.67
N TRP A 216 -10.13 42.15 -5.50
CA TRP A 216 -10.74 43.46 -5.21
C TRP A 216 -12.28 43.38 -5.23
N GLU A 217 -12.82 42.72 -6.25
CA GLU A 217 -14.26 42.49 -6.33
C GLU A 217 -14.79 41.74 -5.13
N ILE A 218 -14.04 40.71 -4.70
CA ILE A 218 -14.40 39.96 -3.49
C ILE A 218 -14.37 40.88 -2.25
N ALA A 219 -13.33 41.68 -2.15
CA ALA A 219 -13.23 42.67 -1.07
C ALA A 219 -14.47 43.57 -1.04
N THR A 220 -14.84 44.09 -2.20
CA THR A 220 -16.03 44.91 -2.31
C THR A 220 -17.28 44.14 -1.84
N ILE A 221 -17.51 42.94 -2.39
CA ILE A 221 -18.69 42.15 -2.05
C ILE A 221 -18.77 41.84 -0.55
N LEU A 222 -17.63 41.51 0.04
CA LEU A 222 -17.60 41.12 1.45
C LEU A 222 -17.31 42.32 2.35
N ASN A 223 -17.06 43.48 1.73
CA ASN A 223 -16.73 44.69 2.48
C ASN A 223 -15.56 44.50 3.47
N ILE A 224 -14.44 44.03 2.95
CA ILE A 224 -13.20 43.93 3.72
C ILE A 224 -12.09 44.45 2.81
N SER A 225 -10.90 44.68 3.36
CA SER A 225 -9.81 45.10 2.49
C SER A 225 -9.36 43.95 1.60
N GLU A 226 -8.75 44.28 0.46
CA GLU A 226 -8.07 43.29 -0.36
C GLU A 226 -6.93 42.61 0.42
N ARG A 227 -6.29 43.35 1.34
CA ARG A 227 -5.27 42.79 2.24
C ARG A 227 -5.80 41.52 2.93
N THR A 228 -6.98 41.63 3.49
CA THR A 228 -7.63 40.49 4.12
C THR A 228 -8.01 39.39 3.13
N VAL A 229 -8.56 39.78 1.98
CA VAL A 229 -8.93 38.81 0.96
C VAL A 229 -7.71 38.00 0.54
N LYS A 230 -6.58 38.67 0.34
CA LYS A 230 -5.35 37.99 -0.08
C LYS A 230 -4.95 36.90 0.92
N PHE A 231 -5.09 37.20 2.21
CA PHE A 231 -4.81 36.27 3.29
C PHE A 231 -5.68 35.02 3.19
N HIS A 232 -6.99 35.23 3.06
CA HIS A 232 -7.93 34.12 2.93
C HIS A 232 -7.65 33.29 1.69
N VAL A 233 -7.35 33.97 0.58
CA VAL A 233 -7.05 33.29 -0.68
C VAL A 233 -5.80 32.40 -0.53
N ALA A 234 -4.77 32.92 0.14
CA ALA A 234 -3.56 32.12 0.39
C ALA A 234 -3.89 30.88 1.21
N ASN A 235 -4.76 31.01 2.19
CA ASN A 235 -5.20 29.89 3.01
C ASN A 235 -6.03 28.87 2.24
N VAL A 236 -6.87 29.35 1.33
CA VAL A 236 -7.65 28.46 0.47
C VAL A 236 -6.72 27.64 -0.42
N ILE A 237 -5.79 28.32 -1.08
CA ILE A 237 -4.82 27.65 -1.94
C ILE A 237 -4.01 26.58 -1.18
N ARG A 238 -3.59 26.91 0.03
CA ARG A 238 -2.85 26.00 0.89
C ARG A 238 -3.71 24.80 1.28
N LYS A 239 -4.91 25.08 1.76
CA LYS A 239 -5.80 24.01 2.19
C LYS A 239 -6.20 23.05 1.06
N LEU A 240 -6.13 23.50 -0.18
CA LEU A 240 -6.49 22.65 -1.34
C LEU A 240 -5.25 22.06 -1.97
N ASN A 241 -4.11 22.29 -1.34
CA ASN A 241 -2.82 21.87 -1.86
C ASN A 241 -2.64 22.27 -3.31
N ALA A 242 -3.06 23.50 -3.62
CA ALA A 242 -2.97 24.01 -4.98
C ALA A 242 -1.67 24.78 -5.22
N ASN A 243 -1.33 24.97 -6.49
CA ASN A 243 -0.10 25.65 -6.87
C ASN A 243 -0.30 27.14 -6.99
N ASN A 244 -1.57 27.55 -7.16
CA ASN A 244 -1.90 28.94 -7.35
C ASN A 244 -3.40 29.17 -7.30
N ARG A 245 -3.81 30.43 -7.36
CA ARG A 245 -5.22 30.83 -7.30
C ARG A 245 -6.07 30.07 -8.31
N THR A 246 -5.62 30.04 -9.56
CA THR A 246 -6.37 29.44 -10.66
C THR A 246 -6.47 27.92 -10.54
N HIS A 247 -5.40 27.30 -10.04
CA HIS A 247 -5.35 25.87 -9.80
C HIS A 247 -6.34 25.51 -8.68
N ALA A 248 -6.42 26.35 -7.66
CA ALA A 248 -7.29 26.08 -6.53
C ALA A 248 -8.74 25.99 -6.96
N ILE A 249 -9.14 26.85 -7.90
CA ILE A 249 -10.49 26.84 -8.44
C ILE A 249 -10.85 25.50 -9.11
N VAL A 250 -9.89 24.93 -9.84
CA VAL A 250 -10.06 23.58 -10.38
C VAL A 250 -10.09 22.51 -9.30
N LEU A 251 -9.09 22.50 -8.42
CA LEU A 251 -8.96 21.46 -7.40
C LEU A 251 -10.11 21.48 -6.39
N GLY A 252 -10.68 22.67 -6.19
CA GLY A 252 -11.75 22.85 -5.22
C GLY A 252 -13.14 22.79 -5.83
N MET A 253 -13.24 22.42 -7.11
CA MET A 253 -14.55 22.40 -7.78
C MET A 253 -15.63 21.60 -7.01
N HIS A 254 -15.24 20.50 -6.40
CA HIS A 254 -16.18 19.73 -5.60
C HIS A 254 -16.84 20.59 -4.51
N LEU A 255 -16.09 21.47 -3.88
CA LEU A 255 -16.63 22.35 -2.83
C LEU A 255 -17.63 23.35 -3.39
N ALA A 256 -17.34 23.90 -4.57
CA ALA A 256 -18.24 24.86 -5.21
C ALA A 256 -19.50 24.17 -5.75
N MET A 257 -19.35 22.92 -6.18
CA MET A 257 -20.51 22.18 -6.71
C MET A 257 -21.50 21.68 -5.66
N THR A 258 -21.00 21.25 -4.50
CA THR A 258 -21.90 20.83 -3.42
C THR A 258 -21.54 21.53 -2.09
N PRO A 259 -21.82 22.84 -2.02
CA PRO A 259 -21.54 23.64 -0.81
C PRO A 259 -22.37 23.15 0.38
N ARG A 260 -23.47 22.46 0.13
CA ARG A 260 -24.22 21.86 1.22
C ARG A 260 -24.65 20.43 0.89
N GLU A 261 -25.12 19.71 1.90
CA GLU A 261 -25.58 18.35 1.71
C GLU A 261 -26.65 18.32 0.65
N LEU A 262 -26.46 17.44 -0.34
CA LEU A 262 -27.48 17.24 -1.34
C LEU A 262 -28.68 16.60 -0.69
N VAL A 263 -29.87 17.12 -1.02
CA VAL A 263 -31.11 16.58 -0.49
C VAL A 263 -31.61 15.43 -1.37
N ASN A 264 -31.91 14.31 -0.73
CA ASN A 264 -32.48 13.13 -1.40
C ASN A 264 -33.63 12.57 -0.58
N HL6 B . 10.74 -14.28 6.55
C1 HL6 B . 10.55 -16.28 7.98
O1 HL6 B . 9.73 -15.84 8.77
C2 HL6 B . 12.33 -17.59 7.16
O2 HL6 B . 11.44 -17.38 8.27
C3 HL6 B . 12.20 -16.31 6.30
O3 HL6 B . 8.71 -14.31 5.55
C4 HL6 B . 10.81 -15.73 6.61
C5 HL6 B . 9.65 -13.70 6.05
C6 HL6 B . 9.63 -12.18 6.08
C7 HL6 B . 8.43 -11.71 6.92
C8 HL6 B . 8.35 -12.42 8.28
C9 HL6 B . 7.43 -11.68 9.25
C10 HL6 B . 7.31 -12.41 10.58
#